data_5AEB
#
_entry.id   5AEB
#
_cell.length_a   47.148
_cell.length_b   80.616
_cell.length_c   78.288
_cell.angle_alpha   90.00
_cell.angle_beta   98.83
_cell.angle_gamma   90.00
#
_symmetry.space_group_name_H-M   'P 1 21 1'
#
loop_
_entity.id
_entity.type
_entity.pdbx_description
1 polymer LRA-12
2 non-polymer 'ZINC ION'
3 non-polymer 'SULFATE ION'
4 non-polymer 'COBALT (II) ION'
5 water water
#
_entity_poly.entity_id   1
_entity_poly.type   'polypeptide(L)'
_entity_poly.pdbx_seq_one_letter_code
;HMASQKVKEPTVSNADWSKPYRPFRIAGNLYYIGTYDLACYLITTKQGNIIVNTGLAASALQIKNNIKALGFKLTDTKIL
LTTQAHYDHLGAMAEIKKITGAKLMADEGDATVMADGGSSDYAFGGHGSMFEPIIADRLLHDKDTIQLGDTKLVMLHHPG
HTKGSCSFLFDTKDEQRSYRILIANMPTIVIEKKFSEVSSYPGIAKDYAYTLQAMKNLSFDIWVASHASQFSMHSKHKPG
DGYNPKSFMDRKGYDESLDKLQKEYEKHLNEN
;
_entity_poly.pdbx_strand_id   A,B
#
loop_
_chem_comp.id
_chem_comp.type
_chem_comp.name
_chem_comp.formula
CO non-polymer 'COBALT (II) ION' 'Co 2'
SO4 non-polymer 'SULFATE ION' 'O4 S -2'
ZN non-polymer 'ZINC ION' 'Zn 2'
#
# COMPACT_ATOMS: atom_id res chain seq x y z
N VAL A 7 -17.17 -15.83 19.44
CA VAL A 7 -15.71 -16.18 19.31
C VAL A 7 -15.32 -17.35 20.21
N LYS A 8 -14.81 -18.41 19.61
CA LYS A 8 -14.34 -19.54 20.38
C LYS A 8 -12.90 -19.88 20.05
N GLU A 9 -12.02 -19.56 20.98
CA GLU A 9 -10.61 -19.89 20.85
C GLU A 9 -10.44 -21.41 20.89
N PRO A 10 -9.74 -21.98 19.89
CA PRO A 10 -9.51 -23.43 19.86
C PRO A 10 -8.78 -23.92 21.12
N THR A 11 -8.96 -25.20 21.44
CA THR A 11 -8.29 -25.85 22.56
C THR A 11 -6.78 -25.66 22.46
N VAL A 12 -6.19 -25.20 23.56
CA VAL A 12 -4.73 -25.06 23.62
C VAL A 12 -4.19 -26.16 24.52
N SER A 13 -3.38 -27.05 23.93
CA SER A 13 -2.79 -28.18 24.63
C SER A 13 -1.41 -27.85 25.25
N ASN A 14 -0.77 -26.79 24.77
CA ASN A 14 0.58 -26.42 25.17
C ASN A 14 0.58 -25.33 26.26
N ALA A 15 0.80 -25.73 27.51
CA ALA A 15 0.79 -24.82 28.65
C ALA A 15 1.71 -23.60 28.52
N ASP A 16 2.83 -23.77 27.81
CA ASP A 16 3.79 -22.67 27.58
C ASP A 16 3.21 -21.48 26.81
N TRP A 17 2.11 -21.68 26.08
CA TRP A 17 1.46 -20.58 25.37
C TRP A 17 0.92 -19.54 26.32
N SER A 18 0.40 -19.95 27.47
CA SER A 18 -0.11 -19.00 28.45
C SER A 18 0.83 -18.78 29.64
N LYS A 19 1.87 -19.59 29.76
CA LYS A 19 2.83 -19.45 30.85
C LYS A 19 3.55 -18.07 30.85
N PRO A 20 3.43 -17.29 31.95
CA PRO A 20 4.14 -15.98 31.98
C PRO A 20 5.65 -16.09 31.93
N TYR A 21 6.29 -15.09 31.35
CA TYR A 21 7.73 -15.07 31.23
C TYR A 21 8.20 -13.66 31.50
N ARG A 22 9.33 -13.53 32.18
CA ARG A 22 9.84 -12.24 32.56
C ARG A 22 10.31 -11.46 31.32
N PRO A 23 9.74 -10.25 31.10
CA PRO A 23 10.07 -9.45 29.91
C PRO A 23 11.53 -8.96 29.96
N PHE A 24 12.16 -8.83 28.80
CA PHE A 24 13.56 -8.41 28.71
C PHE A 24 13.89 -7.65 27.44
N ARG A 25 14.98 -6.91 27.52
CA ARG A 25 15.56 -6.22 26.39
C ARG A 25 16.43 -7.21 25.58
N ILE A 26 16.11 -7.35 24.30
CA ILE A 26 16.88 -8.15 23.40
C ILE A 26 18.06 -7.31 22.85
N ALA A 27 17.75 -6.15 22.29
CA ALA A 27 18.76 -5.34 21.58
C ALA A 27 18.24 -3.93 21.29
N GLY A 28 19.02 -2.91 21.64
CA GLY A 28 18.59 -1.53 21.37
C GLY A 28 17.23 -1.24 22.00
N ASN A 29 16.31 -0.74 21.20
CA ASN A 29 14.97 -0.47 21.66
C ASN A 29 13.96 -1.64 21.46
N LEU A 30 14.45 -2.84 21.17
CA LEU A 30 13.60 -4.03 21.05
C LEU A 30 13.52 -4.84 22.36
N TYR A 31 12.31 -5.11 22.83
CA TYR A 31 12.08 -5.84 24.06
C TYR A 31 11.13 -6.99 23.77
N TYR A 32 11.32 -8.06 24.52
CA TYR A 32 10.42 -9.22 24.52
C TYR A 32 9.40 -9.05 25.64
N ILE A 33 8.12 -9.15 25.29
CA ILE A 33 7.04 -8.94 26.27
C ILE A 33 5.97 -10.02 26.18
N GLY A 34 6.37 -11.19 25.69
CA GLY A 34 5.40 -12.23 25.38
C GLY A 34 5.32 -13.27 26.47
N THR A 35 4.73 -14.41 26.13
CA THR A 35 4.65 -15.50 27.06
C THR A 35 5.88 -16.38 26.92
N TYR A 36 5.87 -17.50 27.61
CA TYR A 36 7.01 -18.38 27.57
C TYR A 36 7.27 -18.86 26.12
N ASP A 37 6.21 -19.11 25.34
CA ASP A 37 6.33 -19.46 23.90
C ASP A 37 5.70 -18.49 22.86
N LEU A 38 4.68 -17.71 23.23
CA LEU A 38 4.09 -16.78 22.25
C LEU A 38 4.83 -15.45 22.29
N ALA A 39 5.57 -15.17 21.23
CA ALA A 39 6.53 -14.06 21.23
C ALA A 39 5.82 -12.78 20.86
N CYS A 40 5.96 -11.80 21.74
CA CYS A 40 5.44 -10.46 21.52
C CYS A 40 6.60 -9.51 21.78
N TYR A 41 6.62 -8.43 21.01
CA TYR A 41 7.74 -7.51 21.08
C TYR A 41 7.25 -6.10 21.25
N LEU A 42 8.06 -5.34 21.98
CA LEU A 42 7.86 -3.92 22.16
C LEU A 42 9.08 -3.20 21.58
N ILE A 43 8.80 -2.21 20.74
CA ILE A 43 9.82 -1.36 20.14
C ILE A 43 9.47 0.04 20.63
N THR A 44 10.40 0.63 21.38
CA THR A 44 10.18 1.89 22.07
C THR A 44 10.92 3.00 21.33
N THR A 45 10.22 4.10 21.03
CA THR A 45 10.82 5.23 20.31
C THR A 45 10.50 6.50 21.06
N LYS A 46 11.11 7.60 20.62
CA LYS A 46 10.79 8.94 21.12
C LYS A 46 9.33 9.38 20.89
N GLN A 47 8.63 8.77 19.93
CA GLN A 47 7.22 9.13 19.66
C GLN A 47 6.20 8.09 20.11
N GLY A 48 6.62 7.19 21.01
CA GLY A 48 5.76 6.17 21.55
C GLY A 48 6.21 4.80 21.06
N ASN A 49 5.39 3.78 21.29
CA ASN A 49 5.83 2.40 21.11
C ASN A 49 5.03 1.58 20.10
N ILE A 50 5.67 0.53 19.61
CA ILE A 50 5.09 -0.44 18.73
C ILE A 50 5.04 -1.76 19.47
N ILE A 51 3.89 -2.44 19.39
CA ILE A 51 3.73 -3.80 19.89
C ILE A 51 3.56 -4.70 18.68
N VAL A 52 4.34 -5.80 18.64
CA VAL A 52 4.24 -6.80 17.54
C VAL A 52 3.72 -8.07 18.17
N ASN A 53 2.53 -8.51 17.72
CA ASN A 53 1.83 -9.69 18.26
C ASN A 53 1.24 -9.56 19.64
N THR A 54 0.22 -10.37 19.91
CA THR A 54 -0.19 -10.70 21.28
C THR A 54 -0.07 -12.23 21.47
N GLY A 55 -0.53 -12.75 22.60
CA GLY A 55 -0.64 -14.19 22.77
C GLY A 55 -2.09 -14.57 22.55
N LEU A 56 -2.58 -15.52 23.35
CA LEU A 56 -4.00 -15.93 23.30
C LEU A 56 -4.91 -14.84 23.87
N ALA A 57 -6.24 -15.08 23.82
CA ALA A 57 -7.20 -14.12 24.38
C ALA A 57 -6.85 -13.57 25.79
N ALA A 58 -6.43 -14.44 26.72
CA ALA A 58 -6.13 -14.05 28.12
C ALA A 58 -4.77 -13.34 28.33
N SER A 59 -3.96 -13.29 27.27
CA SER A 59 -2.61 -12.70 27.35
C SER A 59 -2.57 -11.16 27.54
N ALA A 60 -3.69 -10.47 27.33
CA ALA A 60 -3.67 -9.02 27.46
C ALA A 60 -3.15 -8.52 28.82
N LEU A 61 -3.53 -9.19 29.91
CA LEU A 61 -3.01 -8.85 31.25
C LEU A 61 -1.47 -8.89 31.34
N GLN A 62 -0.88 -10.02 30.91
CA GLN A 62 0.57 -10.20 30.96
C GLN A 62 1.29 -9.14 30.14
N ILE A 63 0.79 -8.88 28.93
CA ILE A 63 1.37 -7.87 28.04
C ILE A 63 1.42 -6.48 28.68
N LYS A 64 0.27 -6.02 29.20
CA LYS A 64 0.20 -4.74 29.90
C LYS A 64 1.19 -4.72 31.07
N ASN A 65 1.25 -5.82 31.82
CA ASN A 65 2.13 -5.93 32.98
C ASN A 65 3.60 -5.89 32.57
N ASN A 66 3.93 -6.66 31.52
CA ASN A 66 5.30 -6.72 30.99
C ASN A 66 5.80 -5.35 30.56
N ILE A 67 4.96 -4.60 29.86
CA ILE A 67 5.31 -3.26 29.40
C ILE A 67 5.59 -2.34 30.59
N LYS A 68 4.71 -2.42 31.59
CA LYS A 68 4.81 -1.68 32.85
C LYS A 68 6.12 -2.02 33.57
N ALA A 69 6.37 -3.32 33.71
CA ALA A 69 7.55 -3.88 34.37
C ALA A 69 8.87 -3.43 33.77
N LEU A 70 8.89 -3.14 32.49
CA LEU A 70 10.07 -2.55 31.87
C LEU A 70 10.10 -1.03 32.05
N GLY A 71 9.13 -0.47 32.76
CA GLY A 71 9.09 0.97 32.97
C GLY A 71 8.65 1.78 31.76
N PHE A 72 7.93 1.15 30.83
CA PHE A 72 7.24 1.86 29.76
C PHE A 72 5.74 1.99 30.04
N LYS A 73 5.08 2.85 29.29
CA LYS A 73 3.68 3.18 29.55
C LYS A 73 2.80 2.65 28.42
N LEU A 74 1.79 1.89 28.80
CA LEU A 74 0.85 1.33 27.83
C LEU A 74 0.17 2.41 26.95
N THR A 75 -0.06 3.61 27.52
CA THR A 75 -0.63 4.76 26.78
C THR A 75 0.33 5.38 25.80
N ASP A 76 1.59 4.97 25.81
CA ASP A 76 2.51 5.40 24.75
C ASP A 76 2.42 4.52 23.48
N THR A 77 1.57 3.49 23.47
CA THR A 77 1.44 2.58 22.34
C THR A 77 0.82 3.29 21.16
N LYS A 78 1.52 3.34 20.04
CA LYS A 78 1.03 4.08 18.87
C LYS A 78 0.66 3.17 17.72
N ILE A 79 1.37 2.05 17.62
CA ILE A 79 1.28 1.12 16.49
C ILE A 79 1.24 -0.33 16.98
N LEU A 80 0.33 -1.08 16.38
CA LEU A 80 0.18 -2.53 16.57
C LEU A 80 0.47 -3.22 15.25
N LEU A 81 1.35 -4.23 15.30
CA LEU A 81 1.66 -5.07 14.16
C LEU A 81 1.47 -6.56 14.50
N THR A 82 1.36 -7.39 13.46
CA THR A 82 1.42 -8.83 13.65
C THR A 82 2.18 -9.49 12.52
N THR A 83 2.83 -10.61 12.80
CA THR A 83 3.50 -11.38 11.76
C THR A 83 2.57 -12.39 11.03
N GLN A 84 1.32 -12.51 11.48
CA GLN A 84 0.60 -13.74 11.25
C GLN A 84 -0.81 -13.64 11.80
N ALA A 85 -1.84 -13.85 10.96
CA ALA A 85 -3.20 -13.79 11.51
C ALA A 85 -3.74 -15.12 12.03
N HIS A 86 -3.16 -15.60 13.12
CA HIS A 86 -3.64 -16.79 13.81
C HIS A 86 -3.91 -16.41 15.22
N TYR A 87 -4.82 -17.15 15.86
CA TYR A 87 -5.30 -16.83 17.20
C TYR A 87 -4.21 -16.82 18.26
N ASP A 88 -3.14 -17.59 18.05
CA ASP A 88 -2.00 -17.61 18.98
C ASP A 88 -1.13 -16.33 18.91
N HIS A 89 -1.36 -15.48 17.91
CA HIS A 89 -0.65 -14.20 17.78
C HIS A 89 -1.53 -12.99 17.70
N LEU A 90 -2.86 -13.21 17.67
CA LEU A 90 -3.85 -12.11 17.61
C LEU A 90 -4.95 -12.22 18.64
N GLY A 91 -4.85 -13.25 19.50
CA GLY A 91 -5.84 -13.49 20.54
C GLY A 91 -6.26 -12.25 21.33
N ALA A 92 -5.29 -11.42 21.73
CA ALA A 92 -5.59 -10.24 22.57
C ALA A 92 -5.46 -8.91 21.82
N MET A 93 -5.34 -8.97 20.49
CA MET A 93 -5.13 -7.77 19.69
C MET A 93 -6.31 -6.80 19.68
N ALA A 94 -7.53 -7.31 19.50
CA ALA A 94 -8.72 -6.44 19.59
C ALA A 94 -8.76 -5.69 20.93
N GLU A 95 -8.49 -6.40 22.01
CA GLU A 95 -8.50 -5.80 23.34
C GLU A 95 -7.40 -4.75 23.53
N ILE A 96 -6.19 -5.05 23.05
CA ILE A 96 -5.09 -4.11 23.19
C ILE A 96 -5.34 -2.90 22.32
N LYS A 97 -5.97 -3.10 21.17
CA LYS A 97 -6.23 -1.99 20.31
C LYS A 97 -7.31 -1.12 20.94
N LYS A 98 -8.29 -1.75 21.58
CA LYS A 98 -9.37 -0.99 22.20
C LYS A 98 -8.83 -0.08 23.27
N ILE A 99 -7.98 -0.64 24.12
CA ILE A 99 -7.46 0.05 25.30
C ILE A 99 -6.44 1.13 24.93
N THR A 100 -5.57 0.85 23.98
CA THR A 100 -4.51 1.80 23.61
C THR A 100 -4.97 2.83 22.61
N GLY A 101 -5.96 2.50 21.78
CA GLY A 101 -6.30 3.35 20.62
C GLY A 101 -5.19 3.47 19.57
N ALA A 102 -4.28 2.51 19.54
CA ALA A 102 -3.16 2.50 18.58
C ALA A 102 -3.71 2.08 17.20
N LYS A 103 -2.99 2.48 16.14
CA LYS A 103 -3.31 2.09 14.76
C LYS A 103 -2.78 0.67 14.50
N LEU A 104 -3.65 -0.20 13.99
CA LEU A 104 -3.23 -1.54 13.65
C LEU A 104 -2.85 -1.56 12.18
N MET A 105 -1.63 -2.03 11.89
CA MET A 105 -1.20 -2.12 10.51
C MET A 105 -0.99 -3.57 10.16
N ALA A 106 -1.54 -4.00 9.04
CA ALA A 106 -1.51 -5.41 8.71
C ALA A 106 -1.22 -5.69 7.23
N ASP A 107 -0.46 -6.76 6.99
CA ASP A 107 -0.25 -7.26 5.64
C ASP A 107 -1.64 -7.44 5.03
N GLU A 108 -1.86 -6.78 3.90
CA GLU A 108 -3.11 -6.91 3.16
C GLU A 108 -3.61 -8.36 3.02
N GLY A 109 -2.70 -9.32 2.78
CA GLY A 109 -3.12 -10.73 2.63
C GLY A 109 -3.92 -11.29 3.81
N ASP A 110 -3.81 -10.70 5.00
CA ASP A 110 -4.50 -11.23 6.16
C ASP A 110 -5.65 -10.34 6.62
N ALA A 111 -5.90 -9.24 5.89
CA ALA A 111 -6.86 -8.21 6.38
C ALA A 111 -8.22 -8.82 6.58
N THR A 112 -8.63 -9.63 5.60
CA THR A 112 -9.92 -10.32 5.61
C THR A 112 -10.06 -11.33 6.76
N VAL A 113 -9.09 -12.24 6.88
CA VAL A 113 -9.10 -13.19 7.98
C VAL A 113 -9.18 -12.42 9.31
N MET A 114 -8.46 -11.29 9.40
CA MET A 114 -8.43 -10.52 10.64
C MET A 114 -9.79 -9.90 10.96
N ALA A 115 -10.42 -9.34 9.93
CA ALA A 115 -11.73 -8.73 10.03
C ALA A 115 -12.82 -9.76 10.40
N ASP A 116 -12.63 -11.03 10.07
CA ASP A 116 -13.63 -12.06 10.49
C ASP A 116 -13.17 -12.99 11.63
N GLY A 117 -12.07 -12.63 12.28
CA GLY A 117 -11.60 -13.43 13.41
C GLY A 117 -11.17 -14.85 13.07
N GLY A 118 -10.78 -15.10 11.82
CA GLY A 118 -10.22 -16.40 11.43
C GLY A 118 -11.22 -17.39 10.85
N SER A 119 -12.48 -16.98 10.75
CA SER A 119 -13.52 -17.84 10.19
C SER A 119 -13.38 -18.09 8.67
N SER A 120 -12.70 -17.22 7.95
CA SER A 120 -12.34 -17.52 6.56
C SER A 120 -10.89 -18.07 6.44
N ASP A 121 -10.26 -18.42 7.56
CA ASP A 121 -8.92 -19.00 7.53
C ASP A 121 -8.87 -20.22 6.58
N TYR A 122 -7.92 -20.23 5.64
CA TYR A 122 -7.83 -21.36 4.67
C TYR A 122 -7.72 -22.73 5.35
N ALA A 123 -7.12 -22.78 6.53
CA ALA A 123 -6.82 -24.04 7.20
C ALA A 123 -7.79 -24.35 8.33
N PHE A 124 -8.25 -23.32 9.01
CA PHE A 124 -9.10 -23.51 10.18
C PHE A 124 -10.41 -22.77 10.10
N GLY A 125 -10.75 -22.29 8.91
CA GLY A 125 -11.97 -21.55 8.71
C GLY A 125 -13.21 -22.42 8.84
N GLY A 126 -14.34 -21.82 8.47
CA GLY A 126 -15.62 -22.55 8.41
C GLY A 126 -16.28 -22.93 9.72
N HIS A 127 -15.56 -22.84 10.84
CA HIS A 127 -16.12 -23.17 12.16
C HIS A 127 -16.30 -21.95 13.06
N GLY A 128 -16.51 -20.78 12.45
CA GLY A 128 -16.69 -19.54 13.19
C GLY A 128 -15.38 -18.85 13.61
N SER A 129 -15.51 -17.67 14.25
CA SER A 129 -14.35 -16.89 14.71
C SER A 129 -13.52 -17.58 15.77
N MET A 130 -12.20 -17.63 15.55
CA MET A 130 -11.27 -18.20 16.53
C MET A 130 -10.58 -17.17 17.44
N PHE A 131 -10.65 -15.91 17.05
CA PHE A 131 -10.18 -14.79 17.90
C PHE A 131 -11.07 -13.58 17.61
N GLU A 132 -11.05 -12.58 18.51
CA GLU A 132 -11.88 -11.36 18.30
C GLU A 132 -11.44 -10.64 17.02
N PRO A 133 -12.37 -10.44 16.06
CA PRO A 133 -12.07 -9.68 14.84
C PRO A 133 -11.39 -8.33 15.14
N ILE A 134 -10.47 -7.94 14.27
CA ILE A 134 -9.89 -6.61 14.32
C ILE A 134 -9.85 -6.06 12.89
N ILE A 135 -10.04 -4.77 12.77
CA ILE A 135 -9.94 -4.12 11.44
C ILE A 135 -8.66 -3.28 11.40
N ALA A 136 -7.80 -3.53 10.41
CA ALA A 136 -6.59 -2.76 10.29
C ALA A 136 -6.85 -1.30 9.82
N ASP A 137 -6.16 -0.36 10.44
CA ASP A 137 -6.18 1.00 10.01
C ASP A 137 -5.25 1.19 8.81
N ARG A 138 -4.21 0.38 8.66
CA ARG A 138 -3.40 0.46 7.42
C ARG A 138 -3.19 -0.92 6.82
N LEU A 139 -3.43 -1.03 5.52
CA LEU A 139 -3.11 -2.25 4.79
C LEU A 139 -1.73 -2.05 4.21
N LEU A 140 -0.81 -2.90 4.64
CA LEU A 140 0.57 -2.89 4.20
C LEU A 140 0.81 -3.87 3.06
N HIS A 141 1.68 -3.46 2.13
CA HIS A 141 2.15 -4.31 1.03
C HIS A 141 3.60 -4.57 1.22
N ASP A 142 4.08 -5.59 0.53
CA ASP A 142 5.50 -5.94 0.47
C ASP A 142 6.41 -4.72 0.39
N LYS A 143 7.31 -4.61 1.37
CA LYS A 143 8.32 -3.55 1.41
C LYS A 143 7.84 -2.14 1.85
N ASP A 144 6.56 -2.01 2.25
CA ASP A 144 6.08 -0.78 2.89
C ASP A 144 6.87 -0.56 4.19
N THR A 145 7.04 0.71 4.54
CA THR A 145 7.80 1.05 5.73
C THR A 145 6.88 1.64 6.79
N ILE A 146 7.22 1.41 8.04
CA ILE A 146 6.46 1.93 9.15
C ILE A 146 7.47 2.71 9.96
N GLN A 147 7.23 4.02 10.06
CA GLN A 147 8.06 4.95 10.84
C GLN A 147 7.39 5.44 12.11
N LEU A 148 8.12 5.35 13.22
CA LEU A 148 7.70 5.97 14.46
C LEU A 148 8.96 6.52 15.13
N GLY A 149 8.95 7.83 15.38
CA GLY A 149 10.15 8.56 15.77
C GLY A 149 11.29 8.31 14.81
N ASP A 150 12.41 7.83 15.33
CA ASP A 150 13.56 7.59 14.49
C ASP A 150 13.65 6.10 14.06
N THR A 151 12.65 5.29 14.41
CA THR A 151 12.62 3.88 14.03
C THR A 151 11.85 3.76 12.71
N LYS A 152 12.37 2.93 11.82
CA LYS A 152 11.73 2.61 10.56
C LYS A 152 11.72 1.09 10.37
N LEU A 153 10.52 0.50 10.28
CA LEU A 153 10.36 -0.92 9.99
C LEU A 153 10.04 -1.15 8.51
N VAL A 154 10.63 -2.17 7.93
CA VAL A 154 10.26 -2.61 6.62
C VAL A 154 9.46 -3.91 6.77
N MET A 155 8.20 -3.90 6.31
CA MET A 155 7.42 -5.14 6.23
C MET A 155 7.82 -5.99 5.05
N LEU A 156 8.11 -7.27 5.29
CA LEU A 156 8.39 -8.22 4.20
C LEU A 156 7.25 -9.23 4.06
N HIS A 157 6.61 -9.25 2.89
CA HIS A 157 5.52 -10.19 2.65
C HIS A 157 6.12 -11.55 2.56
N HIS A 158 5.75 -12.41 3.51
CA HIS A 158 6.24 -13.79 3.50
C HIS A 158 5.10 -14.76 3.60
N PRO A 159 4.27 -14.85 2.56
CA PRO A 159 3.06 -15.67 2.66
C PRO A 159 3.30 -17.15 2.74
N GLY A 160 2.27 -17.85 3.19
CA GLY A 160 2.24 -19.32 3.13
C GLY A 160 1.67 -19.83 4.41
N HIS A 161 2.37 -19.56 5.53
CA HIS A 161 1.83 -19.86 6.87
C HIS A 161 0.43 -19.28 6.97
N THR A 162 0.30 -18.00 6.58
CA THR A 162 -1.00 -17.40 6.34
C THR A 162 -0.89 -16.70 4.97
N LYS A 163 -2.03 -16.31 4.42
CA LYS A 163 -2.00 -15.61 3.14
C LYS A 163 -1.26 -14.25 3.26
N GLY A 164 -1.23 -13.67 4.46
CA GLY A 164 -0.55 -12.41 4.69
C GLY A 164 0.54 -12.47 5.74
N SER A 165 1.09 -13.64 6.04
CA SER A 165 2.13 -13.67 7.04
C SER A 165 3.36 -12.87 6.54
N CYS A 166 4.11 -12.32 7.49
CA CYS A 166 5.11 -11.31 7.15
C CYS A 166 6.17 -11.20 8.23
N SER A 167 7.29 -10.61 7.86
CA SER A 167 8.37 -10.35 8.79
C SER A 167 8.63 -8.82 8.78
N PHE A 168 9.37 -8.35 9.76
CA PHE A 168 9.76 -6.97 9.86
C PHE A 168 11.28 -6.89 10.03
N LEU A 169 11.86 -6.05 9.21
CA LEU A 169 13.28 -5.78 9.20
C LEU A 169 13.49 -4.31 9.60
N PHE A 170 14.32 -4.09 10.62
CA PHE A 170 14.62 -2.75 11.12
C PHE A 170 15.93 -2.67 11.88
N ASP A 171 16.52 -1.48 11.86
CA ASP A 171 17.70 -1.15 12.65
C ASP A 171 17.35 -0.55 14.01
N THR A 172 18.02 -1.02 15.06
CA THR A 172 18.08 -0.32 16.34
C THR A 172 19.51 -0.05 16.73
N LYS A 173 19.68 0.76 17.77
CA LYS A 173 20.99 0.98 18.34
C LYS A 173 20.95 1.01 19.87
N ASP A 174 22.02 0.54 20.49
CA ASP A 174 22.32 0.89 21.86
C ASP A 174 23.41 1.98 21.84
N GLU A 175 24.09 2.23 22.96
CA GLU A 175 25.12 3.28 23.01
C GLU A 175 26.44 2.92 22.32
N GLN A 176 26.65 1.63 22.05
CA GLN A 176 27.89 1.15 21.44
C GLN A 176 27.75 0.76 19.96
N ARG A 177 26.55 0.33 19.57
CA ARG A 177 26.38 -0.35 18.31
C ARG A 177 24.94 -0.36 17.77
N SER A 178 24.86 -0.39 16.44
CA SER A 178 23.63 -0.52 15.68
C SER A 178 23.43 -2.01 15.26
N TYR A 179 22.18 -2.47 15.26
CA TYR A 179 21.83 -3.86 14.90
C TYR A 179 20.70 -3.90 13.89
N ARG A 180 20.85 -4.78 12.90
CA ARG A 180 19.80 -5.01 11.94
C ARG A 180 18.99 -6.21 12.47
N ILE A 181 17.73 -5.98 12.80
CA ILE A 181 16.90 -7.01 13.41
C ILE A 181 15.85 -7.53 12.41
N LEU A 182 15.74 -8.85 12.26
CA LEU A 182 14.62 -9.51 11.58
C LEU A 182 13.66 -10.12 12.59
N ILE A 183 12.42 -9.63 12.59
CA ILE A 183 11.37 -10.30 13.34
C ILE A 183 10.74 -11.19 12.30
N ALA A 184 11.08 -12.48 12.32
CA ALA A 184 10.72 -13.35 11.19
C ALA A 184 9.48 -14.15 11.49
N ASN A 185 8.62 -14.26 10.48
CA ASN A 185 7.63 -15.30 10.58
C ASN A 185 8.12 -16.54 9.82
N MET A 186 8.53 -17.58 10.56
CA MET A 186 9.09 -18.81 9.92
C MET A 186 7.99 -19.51 9.07
N PRO A 187 8.33 -19.96 7.84
CA PRO A 187 7.34 -20.60 6.96
C PRO A 187 7.04 -22.04 7.35
N THR A 188 6.43 -22.23 8.50
CA THR A 188 6.00 -23.52 8.89
C THR A 188 4.72 -23.83 8.13
N ILE A 189 4.42 -25.11 7.97
CA ILE A 189 3.23 -25.57 7.29
C ILE A 189 2.21 -26.06 8.32
N VAL A 190 1.00 -25.58 8.16
CA VAL A 190 -0.04 -25.76 9.14
C VAL A 190 -0.96 -26.94 8.76
N ILE A 191 -1.05 -27.21 7.46
CA ILE A 191 -1.93 -28.25 6.94
C ILE A 191 -1.33 -29.65 7.03
N GLU A 192 -2.18 -30.66 7.11
CA GLU A 192 -1.70 -32.04 7.12
C GLU A 192 -1.68 -32.67 5.72
N LYS A 193 -2.36 -32.04 4.77
CA LYS A 193 -2.48 -32.56 3.41
C LYS A 193 -1.50 -31.93 2.41
N LYS A 194 -1.51 -32.42 1.18
CA LYS A 194 -0.70 -31.90 0.08
C LYS A 194 -1.19 -30.52 -0.33
N PHE A 195 -0.25 -29.67 -0.79
CA PHE A 195 -0.59 -28.33 -1.28
C PHE A 195 -1.69 -28.33 -2.32
N SER A 196 -1.61 -29.27 -3.26
CA SER A 196 -2.58 -29.41 -4.35
C SER A 196 -4.02 -29.62 -3.89
N GLU A 197 -4.21 -30.07 -2.65
CA GLU A 197 -5.53 -30.31 -2.10
C GLU A 197 -6.04 -29.17 -1.23
N VAL A 198 -5.27 -28.10 -1.09
CA VAL A 198 -5.68 -26.93 -0.30
C VAL A 198 -6.28 -25.95 -1.28
N SER A 199 -7.55 -26.14 -1.60
CA SER A 199 -8.11 -25.46 -2.77
C SER A 199 -8.47 -23.96 -2.58
N SER A 200 -8.88 -23.55 -1.36
CA SER A 200 -9.21 -22.12 -1.09
C SER A 200 -7.96 -21.24 -0.85
N TYR A 201 -6.81 -21.77 -1.24
CA TYR A 201 -5.55 -21.05 -1.23
C TYR A 201 -4.77 -21.57 -2.43
N PRO A 202 -5.18 -21.17 -3.66
CA PRO A 202 -4.61 -21.70 -4.89
C PRO A 202 -3.11 -21.43 -5.04
N GLY A 203 -2.63 -20.29 -4.57
CA GLY A 203 -1.21 -19.98 -4.71
C GLY A 203 -0.35 -20.45 -3.56
N ILE A 204 -0.87 -21.35 -2.72
CA ILE A 204 -0.15 -21.73 -1.48
C ILE A 204 1.27 -22.24 -1.74
N ALA A 205 1.44 -23.14 -2.73
CA ALA A 205 2.76 -23.72 -3.00
C ALA A 205 3.72 -22.66 -3.54
N LYS A 206 3.23 -21.83 -4.45
CA LYS A 206 4.05 -20.75 -4.99
C LYS A 206 4.44 -19.73 -3.89
N ASP A 207 3.52 -19.45 -2.97
CA ASP A 207 3.76 -18.55 -1.85
C ASP A 207 4.89 -19.08 -0.93
N TYR A 208 4.81 -20.36 -0.56
CA TYR A 208 5.90 -21.00 0.18
C TYR A 208 7.22 -20.95 -0.59
N ALA A 209 7.19 -21.25 -1.90
CA ALA A 209 8.42 -21.24 -2.69
C ALA A 209 9.06 -19.85 -2.66
N TYR A 210 8.22 -18.81 -2.82
CA TYR A 210 8.65 -17.43 -2.81
C TYR A 210 9.23 -17.07 -1.43
N THR A 211 8.51 -17.43 -0.37
CA THR A 211 8.96 -17.09 0.97
C THR A 211 10.30 -17.73 1.33
N LEU A 212 10.40 -19.05 1.16
CA LEU A 212 11.64 -19.78 1.43
C LEU A 212 12.87 -19.14 0.74
N GLN A 213 12.75 -18.89 -0.56
CA GLN A 213 13.78 -18.20 -1.33
C GLN A 213 14.08 -16.77 -0.79
N ALA A 214 13.04 -15.95 -0.60
CA ALA A 214 13.20 -14.60 -0.09
C ALA A 214 13.86 -14.59 1.31
N MET A 215 13.43 -15.48 2.19
CA MET A 215 14.01 -15.52 3.57
C MET A 215 15.46 -15.96 3.65
N LYS A 216 15.85 -16.94 2.84
CA LYS A 216 17.24 -17.40 2.76
C LYS A 216 18.17 -16.23 2.42
N ASN A 217 17.71 -15.33 1.56
CA ASN A 217 18.58 -14.24 1.09
C ASN A 217 18.62 -12.96 1.96
N LEU A 218 17.80 -12.91 3.00
CA LEU A 218 17.78 -11.77 3.90
C LEU A 218 19.11 -11.69 4.68
N SER A 219 19.57 -10.48 4.99
CA SER A 219 20.66 -10.31 5.96
C SER A 219 20.30 -9.38 7.14
N PHE A 220 20.86 -9.75 8.30
CA PHE A 220 20.55 -9.15 9.59
C PHE A 220 21.60 -9.66 10.60
N ASP A 221 21.64 -9.00 11.75
CA ASP A 221 22.52 -9.35 12.84
C ASP A 221 21.80 -10.30 13.80
N ILE A 222 20.51 -10.01 14.03
CA ILE A 222 19.67 -10.72 14.99
C ILE A 222 18.32 -11.09 14.35
N TRP A 223 17.91 -12.34 14.55
CA TRP A 223 16.60 -12.77 14.13
C TRP A 223 15.84 -13.25 15.34
N VAL A 224 14.57 -12.92 15.35
CA VAL A 224 13.66 -13.51 16.32
C VAL A 224 12.47 -14.04 15.56
N ALA A 225 11.57 -14.75 16.25
CA ALA A 225 10.47 -15.40 15.53
C ALA A 225 9.14 -15.26 16.29
N SER A 226 8.07 -15.77 15.71
CA SER A 226 6.75 -15.69 16.31
C SER A 226 6.59 -16.59 17.55
N HIS A 227 7.35 -17.68 17.61
CA HIS A 227 7.36 -18.55 18.81
C HIS A 227 8.75 -18.57 19.38
N ALA A 228 8.88 -18.53 20.71
CA ALA A 228 10.19 -18.52 21.34
C ALA A 228 10.99 -19.75 20.90
N SER A 229 10.33 -20.90 20.83
CA SER A 229 11.01 -22.12 20.52
C SER A 229 11.63 -22.05 19.12
N GLN A 230 11.02 -21.31 18.19
CA GLN A 230 11.54 -21.29 16.81
C GLN A 230 12.89 -20.63 16.63
N PHE A 231 13.28 -19.74 17.54
CA PHE A 231 14.66 -19.25 17.57
C PHE A 231 15.41 -19.67 18.81
N SER A 232 14.96 -20.73 19.46
CA SER A 232 15.60 -21.25 20.69
C SER A 232 15.84 -20.15 21.72
N MET A 233 14.84 -19.30 21.97
CA MET A 233 15.06 -18.14 22.85
C MET A 233 15.56 -18.54 24.26
N HIS A 234 15.03 -19.63 24.77
CA HIS A 234 15.39 -20.10 26.10
C HIS A 234 16.75 -20.72 26.23
N SER A 235 17.42 -21.00 25.12
CA SER A 235 18.85 -21.33 25.09
C SER A 235 19.73 -20.09 25.03
N LYS A 236 19.19 -18.99 24.54
CA LYS A 236 19.99 -17.81 24.31
C LYS A 236 19.89 -16.84 25.47
N HIS A 237 18.83 -16.97 26.27
CA HIS A 237 18.56 -16.04 27.35
C HIS A 237 17.82 -16.67 28.48
N LYS A 238 18.30 -16.45 29.70
CA LYS A 238 17.61 -16.82 30.94
C LYS A 238 17.17 -15.54 31.67
N PRO A 239 16.08 -15.60 32.45
CA PRO A 239 15.77 -14.41 33.25
C PRO A 239 16.95 -14.02 34.14
N GLY A 240 17.33 -12.74 34.12
CA GLY A 240 18.45 -12.28 34.91
C GLY A 240 19.78 -12.18 34.20
N ASP A 241 19.85 -12.56 32.92
CA ASP A 241 21.09 -12.48 32.15
C ASP A 241 21.61 -11.07 32.05
N GLY A 242 20.69 -10.11 32.03
CA GLY A 242 21.06 -8.74 31.69
C GLY A 242 21.18 -8.59 30.20
N TYR A 243 21.54 -7.39 29.77
CA TYR A 243 21.65 -7.03 28.35
C TYR A 243 22.75 -7.78 27.60
N ASN A 244 22.37 -8.52 26.56
CA ASN A 244 23.35 -9.22 25.73
C ASN A 244 22.85 -9.50 24.31
N PRO A 245 22.88 -8.49 23.43
CA PRO A 245 22.44 -8.64 22.02
C PRO A 245 23.14 -9.79 21.28
N LYS A 246 24.39 -10.06 21.65
CA LYS A 246 25.17 -11.04 20.90
C LYS A 246 24.66 -12.49 20.99
N SER A 247 23.96 -12.83 22.08
CA SER A 247 23.40 -14.16 22.22
C SER A 247 22.28 -14.46 21.22
N PHE A 248 21.82 -13.41 20.54
CA PHE A 248 20.78 -13.52 19.52
C PHE A 248 21.31 -13.49 18.09
N MET A 249 22.64 -13.39 17.96
CA MET A 249 23.30 -13.50 16.68
C MET A 249 23.47 -14.99 16.39
N ASP A 250 22.80 -15.49 15.35
CA ASP A 250 22.65 -16.95 15.17
C ASP A 250 22.24 -17.26 13.74
N ARG A 251 23.09 -16.90 12.78
CA ARG A 251 22.81 -17.19 11.41
C ARG A 251 22.64 -18.69 11.16
N LYS A 252 23.50 -19.52 11.77
CA LYS A 252 23.40 -20.98 11.63
C LYS A 252 22.02 -21.47 12.05
N GLY A 253 21.52 -20.96 13.18
CA GLY A 253 20.20 -21.36 13.68
C GLY A 253 19.10 -21.08 12.66
N TYR A 254 19.15 -19.88 12.09
CA TYR A 254 18.22 -19.43 11.07
C TYR A 254 18.25 -20.31 9.80
N ASP A 255 19.46 -20.50 9.26
CA ASP A 255 19.69 -21.41 8.15
C ASP A 255 19.26 -22.85 8.43
N GLU A 256 19.56 -23.40 9.63
CA GLU A 256 19.14 -24.77 9.97
C GLU A 256 17.61 -24.85 9.93
N SER A 257 16.97 -23.82 10.49
CA SER A 257 15.54 -23.78 10.56
C SER A 257 14.92 -23.71 9.14
N LEU A 258 15.48 -22.89 8.27
CA LEU A 258 14.91 -22.78 6.93
C LEU A 258 15.14 -24.06 6.08
N ASP A 259 16.28 -24.71 6.30
CA ASP A 259 16.57 -26.01 5.71
C ASP A 259 15.46 -27.00 6.05
N LYS A 260 15.21 -27.18 7.35
CA LYS A 260 14.11 -28.03 7.84
C LYS A 260 12.76 -27.65 7.23
N LEU A 261 12.47 -26.35 7.16
CA LEU A 261 11.20 -25.94 6.63
C LEU A 261 11.13 -26.15 5.11
N GLN A 262 12.28 -26.07 4.45
CA GLN A 262 12.40 -26.38 3.02
C GLN A 262 12.05 -27.85 2.73
N LYS A 263 12.65 -28.78 3.50
CA LYS A 263 12.34 -30.22 3.40
C LYS A 263 10.85 -30.50 3.65
N GLU A 264 10.28 -29.74 4.60
CA GLU A 264 8.88 -29.83 4.93
C GLU A 264 8.02 -29.41 3.72
N TYR A 265 8.37 -28.27 3.11
CA TYR A 265 7.74 -27.78 1.90
C TYR A 265 7.74 -28.84 0.78
N GLU A 266 8.87 -29.53 0.61
CA GLU A 266 9.02 -30.60 -0.39
C GLU A 266 8.09 -31.80 -0.18
N LYS A 267 7.94 -32.22 1.06
CA LYS A 267 6.97 -33.26 1.40
C LYS A 267 5.53 -32.80 1.14
N HIS A 268 5.32 -31.49 1.31
CA HIS A 268 4.05 -30.72 1.31
C HIS A 268 3.29 -30.55 2.66
N LEU A 269 3.85 -30.87 3.85
CA LEU A 269 2.98 -30.91 5.06
C LEU A 269 3.49 -31.17 6.54
N ASN A 270 2.58 -30.96 7.48
CA ASN A 270 2.76 -31.16 8.90
C ASN A 270 1.94 -30.14 9.67
N GLN B 5 9.22 -7.48 -22.30
CA GLN B 5 10.42 -7.61 -23.15
C GLN B 5 10.65 -6.39 -24.07
N LYS B 6 9.57 -5.70 -24.46
CA LYS B 6 9.68 -4.63 -25.47
C LYS B 6 8.71 -3.47 -25.20
N VAL B 7 9.21 -2.24 -25.25
CA VAL B 7 8.35 -1.08 -25.13
C VAL B 7 8.19 -0.46 -26.53
N LYS B 8 6.95 -0.26 -26.95
CA LYS B 8 6.62 0.44 -28.20
C LYS B 8 5.39 1.32 -28.01
N GLU B 9 5.56 2.64 -27.98
CA GLU B 9 4.43 3.54 -27.86
C GLU B 9 3.56 3.43 -29.11
N PRO B 10 2.23 3.25 -28.95
CA PRO B 10 1.41 3.21 -30.19
C PRO B 10 1.56 4.52 -30.97
N THR B 11 1.30 4.47 -32.28
CA THR B 11 1.38 5.63 -33.14
C THR B 11 0.17 6.48 -32.84
N VAL B 12 0.36 7.79 -32.74
CA VAL B 12 -0.64 8.75 -32.28
C VAL B 12 -1.20 9.58 -33.43
N SER B 13 -2.51 9.50 -33.68
CA SER B 13 -3.16 10.30 -34.77
C SER B 13 -3.30 11.74 -34.35
N ASN B 14 -3.72 11.93 -33.11
CA ASN B 14 -4.12 13.24 -32.64
C ASN B 14 -2.93 14.18 -32.29
N ALA B 15 -2.66 15.17 -33.15
CA ALA B 15 -1.54 16.12 -32.98
C ALA B 15 -1.61 17.01 -31.71
N ASP B 16 -2.82 17.25 -31.19
CA ASP B 16 -2.99 17.97 -29.93
C ASP B 16 -2.38 17.27 -28.71
N TRP B 17 -2.20 15.96 -28.80
CA TRP B 17 -1.55 15.21 -27.70
C TRP B 17 -0.13 15.62 -27.44
N SER B 18 0.60 15.96 -28.51
CA SER B 18 1.99 16.38 -28.34
C SER B 18 2.23 17.90 -28.51
N LYS B 19 1.26 18.63 -29.03
CA LYS B 19 1.32 20.09 -29.15
C LYS B 19 1.60 20.86 -27.84
N PRO B 20 2.69 21.65 -27.79
CA PRO B 20 2.96 22.46 -26.59
C PRO B 20 1.82 23.40 -26.23
N TYR B 21 1.70 23.74 -24.94
CA TYR B 21 0.66 24.67 -24.53
C TYR B 21 1.16 25.47 -23.32
N ARG B 22 0.86 26.77 -23.26
CA ARG B 22 1.38 27.59 -22.15
C ARG B 22 0.79 27.22 -20.78
N PRO B 23 1.66 26.92 -19.78
CA PRO B 23 1.13 26.48 -18.50
C PRO B 23 0.44 27.66 -17.79
N PHE B 24 -0.56 27.38 -16.95
CA PHE B 24 -1.23 28.47 -16.28
C PHE B 24 -1.73 28.05 -14.93
N ARG B 25 -1.99 29.03 -14.08
CA ARG B 25 -2.60 28.75 -12.77
C ARG B 25 -4.12 28.60 -12.93
N ILE B 26 -4.62 27.46 -12.50
CA ILE B 26 -6.05 27.18 -12.45
C ILE B 26 -6.71 27.80 -11.21
N ALA B 27 -6.23 27.45 -10.02
CA ALA B 27 -6.84 27.84 -8.77
C ALA B 27 -5.90 27.52 -7.61
N GLY B 28 -5.69 28.52 -6.75
CA GLY B 28 -4.80 28.37 -5.62
C GLY B 28 -3.45 27.82 -6.04
N ASN B 29 -3.08 26.67 -5.45
CA ASN B 29 -1.81 26.03 -5.80
C ASN B 29 -1.84 24.97 -6.90
N LEU B 30 -2.89 25.01 -7.73
CA LEU B 30 -3.03 24.06 -8.81
C LEU B 30 -2.75 24.76 -10.13
N TYR B 31 -1.88 24.15 -10.93
CA TYR B 31 -1.50 24.69 -12.22
C TYR B 31 -1.65 23.61 -13.24
N TYR B 32 -1.96 24.01 -14.48
CA TYR B 32 -1.96 23.14 -15.65
C TYR B 32 -0.54 23.18 -16.26
N ILE B 33 0.04 22.02 -16.53
CA ILE B 33 1.39 21.95 -17.18
C ILE B 33 1.42 20.91 -18.31
N GLY B 34 0.23 20.57 -18.78
CA GLY B 34 0.06 19.57 -19.82
C GLY B 34 0.38 20.06 -21.21
N THR B 35 0.07 19.20 -22.20
CA THR B 35 0.16 19.60 -23.58
C THR B 35 -1.17 20.22 -23.93
N TYR B 36 -1.46 20.43 -25.21
CA TYR B 36 -2.72 21.03 -25.64
C TYR B 36 -3.93 20.21 -25.20
N ASP B 37 -3.81 18.88 -25.29
CA ASP B 37 -4.89 18.02 -24.83
C ASP B 37 -4.58 17.01 -23.70
N LEU B 38 -3.32 16.66 -23.45
CA LEU B 38 -3.02 15.68 -22.40
C LEU B 38 -2.73 16.43 -21.10
N ALA B 39 -3.65 16.33 -20.17
CA ALA B 39 -3.65 17.17 -19.00
C ALA B 39 -2.64 16.69 -17.92
N CYS B 40 -1.79 17.61 -17.49
CA CYS B 40 -0.85 17.35 -16.47
C CYS B 40 -0.99 18.43 -15.41
N TYR B 41 -0.98 18.05 -14.13
CA TYR B 41 -1.16 19.05 -13.10
C TYR B 41 0.03 19.12 -12.18
N LEU B 42 0.32 20.35 -11.79
CA LEU B 42 1.31 20.66 -10.79
C LEU B 42 0.54 21.20 -9.58
N ILE B 43 0.86 20.67 -8.40
CA ILE B 43 0.32 21.17 -7.16
C ILE B 43 1.51 21.55 -6.26
N THR B 44 1.64 22.82 -5.94
CA THR B 44 2.82 23.26 -5.22
C THR B 44 2.53 23.33 -3.72
N THR B 45 3.49 22.92 -2.89
CA THR B 45 3.37 23.03 -1.44
C THR B 45 4.73 23.51 -0.89
N LYS B 46 4.73 23.97 0.37
CA LYS B 46 5.95 24.32 1.10
C LYS B 46 6.95 23.15 1.21
N GLN B 47 6.46 21.90 1.19
CA GLN B 47 7.35 20.74 1.33
C GLN B 47 7.74 20.13 -0.01
N GLY B 48 7.37 20.79 -1.11
CA GLY B 48 7.67 20.31 -2.46
C GLY B 48 6.40 20.19 -3.31
N ASN B 49 6.54 19.60 -4.49
CA ASN B 49 5.41 19.57 -5.45
C ASN B 49 4.84 18.18 -5.75
N ILE B 50 3.62 18.16 -6.29
CA ILE B 50 3.00 16.95 -6.79
C ILE B 50 2.78 17.12 -8.28
N ILE B 51 3.16 16.10 -9.05
CA ILE B 51 2.78 16.07 -10.47
C ILE B 51 1.76 14.94 -10.67
N VAL B 52 0.69 15.27 -11.40
CA VAL B 52 -0.37 14.34 -11.73
C VAL B 52 -0.36 14.15 -13.26
N ASN B 53 -0.02 12.93 -13.71
CA ASN B 53 0.10 12.56 -15.13
C ASN B 53 1.30 13.15 -15.85
N THR B 54 1.72 12.45 -16.90
CA THR B 54 2.63 12.99 -17.87
C THR B 54 1.83 12.89 -19.20
N GLY B 55 2.45 13.24 -20.31
CA GLY B 55 1.82 13.02 -21.59
C GLY B 55 2.55 11.84 -22.20
N LEU B 56 2.82 11.92 -23.50
CA LEU B 56 3.47 10.82 -24.21
C LEU B 56 4.93 10.65 -23.81
N ALA B 57 5.58 9.59 -24.31
CA ALA B 57 7.00 9.29 -24.07
C ALA B 57 7.91 10.52 -24.19
N ALA B 58 7.59 11.39 -25.15
CA ALA B 58 8.43 12.56 -25.44
C ALA B 58 8.02 13.87 -24.77
N SER B 59 7.31 13.81 -23.65
CA SER B 59 6.78 15.00 -23.03
C SER B 59 7.55 15.53 -21.82
N ALA B 60 8.59 14.81 -21.38
CA ALA B 60 9.32 15.25 -20.19
C ALA B 60 9.95 16.65 -20.35
N LEU B 61 10.36 17.00 -21.56
CA LEU B 61 10.98 18.32 -21.77
C LEU B 61 9.92 19.44 -21.66
N GLN B 62 8.79 19.27 -22.35
CA GLN B 62 7.68 20.23 -22.21
C GLN B 62 7.35 20.45 -20.73
N ILE B 63 7.08 19.34 -20.04
CA ILE B 63 6.72 19.35 -18.61
C ILE B 63 7.76 20.10 -17.78
N LYS B 64 9.02 19.82 -18.04
CA LYS B 64 10.12 20.46 -17.32
C LYS B 64 10.11 21.97 -17.56
N ASN B 65 10.02 22.34 -18.83
CA ASN B 65 10.00 23.76 -19.19
C ASN B 65 8.74 24.49 -18.73
N ASN B 66 7.61 23.77 -18.65
CA ASN B 66 6.34 24.37 -18.21
C ASN B 66 6.42 24.75 -16.74
N ILE B 67 7.00 23.85 -15.97
CA ILE B 67 7.19 24.02 -14.54
C ILE B 67 8.12 25.21 -14.30
N LYS B 68 9.25 25.23 -15.01
CA LYS B 68 10.11 26.39 -15.02
C LYS B 68 9.39 27.68 -15.39
N ALA B 69 8.54 27.64 -16.42
CA ALA B 69 7.79 28.82 -16.88
C ALA B 69 6.95 29.45 -15.78
N LEU B 70 6.47 28.62 -14.85
CA LEU B 70 5.64 29.10 -13.77
C LEU B 70 6.47 29.55 -12.58
N GLY B 71 7.79 29.38 -12.66
CA GLY B 71 8.71 29.82 -11.60
C GLY B 71 8.98 28.75 -10.54
N PHE B 72 8.68 27.47 -10.85
CA PHE B 72 8.93 26.32 -9.95
C PHE B 72 10.05 25.43 -10.51
N LYS B 73 10.39 24.34 -9.83
CA LYS B 73 11.48 23.47 -10.28
C LYS B 73 10.99 22.03 -10.33
N LEU B 74 11.16 21.40 -11.48
CA LEU B 74 10.88 19.96 -11.62
C LEU B 74 11.50 19.11 -10.50
N THR B 75 12.70 19.47 -10.06
CA THR B 75 13.44 18.69 -9.08
C THR B 75 12.90 18.87 -7.67
N ASP B 76 11.99 19.83 -7.47
CA ASP B 76 11.22 19.98 -6.24
C ASP B 76 10.03 19.01 -6.13
N THR B 77 9.79 18.22 -7.18
CA THR B 77 8.71 17.22 -7.13
C THR B 77 9.01 16.10 -6.16
N LYS B 78 8.04 15.84 -5.27
CA LYS B 78 8.18 14.84 -4.22
C LYS B 78 7.29 13.65 -4.49
N ILE B 79 6.19 13.87 -5.21
CA ILE B 79 5.16 12.86 -5.37
C ILE B 79 4.68 12.82 -6.80
N LEU B 80 4.56 11.62 -7.34
CA LEU B 80 3.93 11.50 -8.67
C LEU B 80 2.69 10.66 -8.57
N LEU B 81 1.68 11.11 -9.29
CA LEU B 81 0.38 10.48 -9.30
C LEU B 81 -0.11 10.37 -10.72
N THR B 82 -1.05 9.45 -10.89
CA THR B 82 -1.71 9.37 -12.17
C THR B 82 -3.19 9.06 -12.00
N THR B 83 -3.99 9.54 -12.92
CA THR B 83 -5.41 9.22 -12.88
C THR B 83 -5.72 7.90 -13.60
N GLN B 84 -4.71 7.31 -14.22
CA GLN B 84 -4.98 6.35 -15.27
C GLN B 84 -3.72 5.69 -15.86
N ALA B 85 -3.55 4.38 -15.74
CA ALA B 85 -2.41 3.72 -16.40
C ALA B 85 -2.59 3.42 -17.89
N HIS B 86 -2.66 4.46 -18.73
CA HIS B 86 -2.55 4.35 -20.17
C HIS B 86 -1.36 5.16 -20.59
N TYR B 87 -0.81 4.86 -21.76
CA TYR B 87 0.43 5.48 -22.24
C TYR B 87 0.35 6.99 -22.49
N ASP B 88 -0.84 7.51 -22.78
CA ASP B 88 -1.07 8.95 -22.98
C ASP B 88 -1.04 9.74 -21.67
N HIS B 89 -0.99 9.05 -20.55
CA HIS B 89 -0.87 9.70 -19.25
C HIS B 89 0.32 9.21 -18.45
N LEU B 90 1.03 8.20 -18.96
CA LEU B 90 2.15 7.60 -18.24
C LEU B 90 3.41 7.48 -19.11
N GLY B 91 3.30 7.93 -20.37
CA GLY B 91 4.37 7.81 -21.35
C GLY B 91 5.75 8.30 -20.90
N ALA B 92 5.75 9.44 -20.20
CA ALA B 92 7.00 10.00 -19.68
C ALA B 92 7.18 9.77 -18.18
N MET B 93 6.33 8.96 -17.56
CA MET B 93 6.40 8.79 -16.10
C MET B 93 7.68 8.15 -15.53
N ALA B 94 8.22 7.14 -16.22
CA ALA B 94 9.43 6.46 -15.73
C ALA B 94 10.59 7.45 -15.78
N GLU B 95 10.65 8.22 -16.87
CA GLU B 95 11.69 9.24 -17.04
C GLU B 95 11.58 10.34 -15.99
N ILE B 96 10.36 10.80 -15.73
CA ILE B 96 10.15 11.86 -14.76
C ILE B 96 10.46 11.35 -13.35
N LYS B 97 10.08 10.10 -13.08
CA LYS B 97 10.45 9.47 -11.82
C LYS B 97 11.98 9.42 -11.63
N LYS B 98 12.71 9.01 -12.68
CA LYS B 98 14.17 8.93 -12.65
C LYS B 98 14.79 10.31 -12.41
N ILE B 99 14.34 11.34 -13.16
CA ILE B 99 14.85 12.72 -12.98
C ILE B 99 14.60 13.24 -11.58
N THR B 100 13.37 13.08 -11.06
CA THR B 100 12.98 13.73 -9.80
C THR B 100 13.31 12.95 -8.54
N GLY B 101 13.41 11.64 -8.65
CA GLY B 101 13.48 10.75 -7.47
C GLY B 101 12.21 10.82 -6.62
N ALA B 102 11.11 11.30 -7.21
CA ALA B 102 9.84 11.42 -6.50
C ALA B 102 9.19 10.05 -6.26
N LYS B 103 8.30 9.97 -5.28
CA LYS B 103 7.60 8.72 -4.99
C LYS B 103 6.34 8.60 -5.86
N LEU B 104 6.27 7.55 -6.66
CA LEU B 104 5.05 7.25 -7.42
C LEU B 104 4.02 6.55 -6.55
N MET B 105 2.82 7.10 -6.51
CA MET B 105 1.75 6.45 -5.77
C MET B 105 0.64 6.17 -6.76
N ALA B 106 0.10 4.97 -6.70
CA ALA B 106 -0.82 4.53 -7.73
C ALA B 106 -1.93 3.69 -7.11
N ASP B 107 -3.13 3.87 -7.67
CA ASP B 107 -4.26 3.03 -7.33
C ASP B 107 -3.83 1.61 -7.57
N GLU B 108 -4.07 0.76 -6.57
CA GLU B 108 -3.60 -0.63 -6.58
C GLU B 108 -4.12 -1.46 -7.74
N GLY B 109 -5.31 -1.13 -8.21
CA GLY B 109 -5.87 -1.77 -9.41
C GLY B 109 -5.02 -1.67 -10.67
N ASP B 110 -4.18 -0.63 -10.78
CA ASP B 110 -3.36 -0.36 -11.99
C ASP B 110 -1.87 -0.72 -11.77
N ALA B 111 -1.54 -1.22 -10.56
CA ALA B 111 -0.16 -1.51 -10.15
C ALA B 111 0.58 -2.43 -11.10
N THR B 112 -0.04 -3.55 -11.41
CA THR B 112 0.54 -4.55 -12.32
C THR B 112 0.70 -4.04 -13.75
N VAL B 113 -0.31 -3.32 -14.23
CA VAL B 113 -0.29 -2.77 -15.59
C VAL B 113 0.86 -1.76 -15.69
N MET B 114 1.09 -0.98 -14.64
CA MET B 114 2.16 0.02 -14.68
C MET B 114 3.50 -0.73 -14.65
N ALA B 115 3.60 -1.78 -13.85
CA ALA B 115 4.87 -2.48 -13.69
C ALA B 115 5.24 -3.34 -14.92
N ASP B 116 4.29 -3.59 -15.81
CA ASP B 116 4.63 -4.25 -17.06
C ASP B 116 4.40 -3.32 -18.26
N GLY B 117 4.28 -2.02 -17.97
CA GLY B 117 4.15 -1.01 -18.98
C GLY B 117 2.97 -1.21 -19.93
N GLY B 118 1.84 -1.71 -19.42
CA GLY B 118 0.62 -1.93 -20.24
C GLY B 118 0.57 -3.26 -21.02
N SER B 119 1.61 -4.07 -20.87
CA SER B 119 1.65 -5.39 -21.45
C SER B 119 0.40 -6.23 -21.10
N SER B 120 -0.10 -6.06 -19.88
CA SER B 120 -1.27 -6.81 -19.45
C SER B 120 -2.54 -5.96 -19.47
N ASP B 121 -2.50 -4.82 -20.18
CA ASP B 121 -3.67 -3.98 -20.35
C ASP B 121 -4.82 -4.87 -20.83
N TYR B 122 -5.97 -4.75 -20.18
CA TYR B 122 -7.08 -5.60 -20.53
C TYR B 122 -7.59 -5.36 -21.94
N ALA B 123 -7.39 -4.16 -22.50
CA ALA B 123 -7.83 -3.87 -23.89
C ALA B 123 -6.66 -3.87 -24.91
N PHE B 124 -5.48 -3.46 -24.48
CA PHE B 124 -4.38 -3.26 -25.42
C PHE B 124 -3.12 -4.06 -25.16
N GLY B 125 -3.18 -4.99 -24.21
CA GLY B 125 -2.05 -5.81 -23.83
C GLY B 125 -1.87 -6.97 -24.77
N GLY B 126 -0.84 -7.77 -24.51
CA GLY B 126 -0.55 -8.93 -25.37
C GLY B 126 0.56 -8.70 -26.37
N HIS B 127 0.83 -7.45 -26.74
CA HIS B 127 1.93 -7.13 -27.66
C HIS B 127 3.04 -6.34 -27.01
N GLY B 128 3.37 -6.66 -25.76
CA GLY B 128 4.44 -5.95 -25.11
C GLY B 128 3.94 -4.64 -24.53
N SER B 129 4.87 -3.86 -24.02
CA SER B 129 4.53 -2.65 -23.28
C SER B 129 4.30 -1.45 -24.19
N MET B 130 3.39 -0.57 -23.78
CA MET B 130 3.09 0.64 -24.53
C MET B 130 3.75 1.87 -23.94
N PHE B 131 4.28 1.73 -22.74
CA PHE B 131 5.05 2.76 -22.07
C PHE B 131 6.11 2.10 -21.19
N GLU B 132 7.18 2.83 -20.92
CA GLU B 132 8.25 2.33 -20.05
C GLU B 132 7.70 1.99 -18.67
N PRO B 133 7.86 0.73 -18.23
CA PRO B 133 7.28 0.30 -16.96
C PRO B 133 7.74 1.17 -15.77
N ILE B 134 6.89 1.29 -14.76
CA ILE B 134 7.22 2.01 -13.56
C ILE B 134 6.67 1.21 -12.39
N ILE B 135 7.44 1.07 -11.32
CA ILE B 135 6.95 0.37 -10.14
C ILE B 135 6.51 1.41 -9.13
N ALA B 136 5.26 1.30 -8.66
CA ALA B 136 4.77 2.29 -7.73
C ALA B 136 5.47 2.08 -6.39
N ASP B 137 5.79 3.19 -5.72
CA ASP B 137 6.36 3.15 -4.37
C ASP B 137 5.30 2.96 -3.30
N ARG B 138 4.11 3.50 -3.53
CA ARG B 138 2.96 3.34 -2.61
C ARG B 138 1.74 2.89 -3.45
N LEU B 139 1.03 1.85 -2.99
CA LEU B 139 -0.20 1.42 -3.65
C LEU B 139 -1.38 1.94 -2.83
N LEU B 140 -2.29 2.61 -3.50
CA LEU B 140 -3.34 3.36 -2.83
C LEU B 140 -4.66 2.64 -2.92
N HIS B 141 -5.50 2.79 -1.90
CA HIS B 141 -6.82 2.21 -1.92
C HIS B 141 -7.81 3.33 -1.91
N ASP B 142 -9.05 3.03 -2.30
CA ASP B 142 -10.12 4.02 -2.25
C ASP B 142 -10.13 4.88 -0.97
N LYS B 143 -10.28 6.20 -1.13
CA LYS B 143 -10.34 7.15 0.02
C LYS B 143 -9.02 7.38 0.80
N ASP B 144 -7.94 6.70 0.40
CA ASP B 144 -6.64 6.97 0.95
C ASP B 144 -6.22 8.43 0.75
N THR B 145 -5.44 8.95 1.70
CA THR B 145 -4.94 10.31 1.60
C THR B 145 -3.46 10.37 1.22
N ILE B 146 -3.12 11.35 0.40
CA ILE B 146 -1.76 11.65 0.02
C ILE B 146 -1.51 13.02 0.67
N GLN B 147 -0.49 13.11 1.51
CA GLN B 147 -0.20 14.38 2.13
C GLN B 147 1.21 14.89 1.82
N LEU B 148 1.30 16.14 1.39
CA LEU B 148 2.58 16.84 1.25
C LEU B 148 2.42 18.26 1.81
N GLY B 149 3.11 18.53 2.91
CA GLY B 149 2.93 19.77 3.63
C GLY B 149 1.56 19.78 4.27
N ASP B 150 0.84 20.88 4.08
CA ASP B 150 -0.54 21.02 4.55
C ASP B 150 -1.57 20.62 3.50
N THR B 151 -1.10 20.13 2.34
CA THR B 151 -1.98 19.76 1.22
C THR B 151 -2.32 18.27 1.33
N LYS B 152 -3.61 17.98 1.40
CA LYS B 152 -4.11 16.61 1.46
C LYS B 152 -4.89 16.31 0.20
N LEU B 153 -4.52 15.26 -0.51
CA LEU B 153 -5.35 14.77 -1.60
C LEU B 153 -6.03 13.48 -1.17
N VAL B 154 -7.31 13.35 -1.50
CA VAL B 154 -8.01 12.10 -1.30
C VAL B 154 -8.12 11.36 -2.64
N MET B 155 -7.67 10.12 -2.71
CA MET B 155 -7.83 9.38 -3.95
C MET B 155 -9.18 8.69 -3.99
N LEU B 156 -9.87 8.81 -5.12
CA LEU B 156 -11.13 8.11 -5.30
C LEU B 156 -10.97 7.05 -6.39
N HIS B 157 -11.26 5.81 -6.04
CA HIS B 157 -11.16 4.70 -6.99
C HIS B 157 -12.32 4.82 -7.94
N HIS B 158 -12.00 5.04 -9.21
CA HIS B 158 -13.00 5.21 -10.28
C HIS B 158 -12.70 4.26 -11.45
N PRO B 159 -12.83 2.94 -11.23
CA PRO B 159 -12.42 1.96 -12.23
C PRO B 159 -13.37 1.91 -13.49
N GLY B 160 -12.94 1.18 -14.51
CA GLY B 160 -13.73 1.00 -15.71
C GLY B 160 -12.82 1.34 -16.86
N HIS B 161 -12.54 2.63 -17.02
CA HIS B 161 -11.56 3.06 -18.03
C HIS B 161 -10.26 2.24 -17.95
N THR B 162 -9.68 2.14 -16.74
CA THR B 162 -8.68 1.10 -16.44
C THR B 162 -9.12 0.41 -15.13
N LYS B 163 -8.45 -0.67 -14.72
CA LYS B 163 -8.84 -1.34 -13.50
C LYS B 163 -8.61 -0.43 -12.28
N GLY B 164 -7.65 0.48 -12.36
CA GLY B 164 -7.31 1.31 -11.24
C GLY B 164 -7.39 2.79 -11.55
N SER B 165 -8.23 3.15 -12.52
CA SER B 165 -8.37 4.56 -12.81
C SER B 165 -9.02 5.26 -11.60
N CYS B 166 -8.63 6.51 -11.38
CA CYS B 166 -8.99 7.20 -10.16
C CYS B 166 -9.01 8.71 -10.32
N SER B 167 -9.65 9.35 -9.38
CA SER B 167 -9.72 10.82 -9.31
C SER B 167 -9.13 11.30 -7.98
N PHE B 168 -8.83 12.59 -7.93
CA PHE B 168 -8.31 13.21 -6.71
C PHE B 168 -9.14 14.42 -6.34
N LEU B 169 -9.49 14.46 -5.05
CA LEU B 169 -10.26 15.52 -4.46
C LEU B 169 -9.40 16.15 -3.37
N PHE B 170 -9.23 17.46 -3.46
CA PHE B 170 -8.37 18.18 -2.53
C PHE B 170 -8.78 19.64 -2.43
N ASP B 171 -8.51 20.25 -1.29
CA ASP B 171 -8.72 21.70 -1.11
C ASP B 171 -7.43 22.45 -1.36
N THR B 172 -7.56 23.63 -1.94
CA THR B 172 -6.44 24.55 -2.19
C THR B 172 -6.92 25.96 -1.91
N LYS B 173 -5.99 26.91 -1.74
CA LYS B 173 -6.39 28.30 -1.40
C LYS B 173 -5.51 29.29 -2.12
N ASP B 174 -6.07 30.46 -2.42
CA ASP B 174 -5.23 31.61 -2.76
C ASP B 174 -5.26 32.54 -1.54
N GLU B 175 -4.91 33.81 -1.71
CA GLU B 175 -5.00 34.74 -0.57
C GLU B 175 -6.42 35.08 -0.17
N GLN B 176 -7.34 35.06 -1.12
CA GLN B 176 -8.73 35.41 -0.85
C GLN B 176 -9.50 34.24 -0.25
N ARG B 177 -9.51 33.11 -0.96
CA ARG B 177 -10.37 32.00 -0.59
C ARG B 177 -9.82 30.60 -0.88
N SER B 178 -10.66 29.62 -0.59
CA SER B 178 -10.37 28.21 -0.70
C SER B 178 -11.26 27.61 -1.81
N TYR B 179 -10.76 26.58 -2.50
CA TYR B 179 -11.50 25.88 -3.54
C TYR B 179 -11.40 24.37 -3.36
N ARG B 180 -12.51 23.67 -3.51
CA ARG B 180 -12.41 22.22 -3.55
C ARG B 180 -12.36 21.77 -4.99
N ILE B 181 -11.31 21.02 -5.32
CA ILE B 181 -11.01 20.65 -6.69
C ILE B 181 -11.12 19.14 -6.86
N LEU B 182 -11.75 18.74 -7.97
CA LEU B 182 -11.69 17.36 -8.38
C LEU B 182 -10.86 17.25 -9.66
N ILE B 183 -9.79 16.49 -9.58
CA ILE B 183 -9.07 16.07 -10.77
C ILE B 183 -9.71 14.74 -11.21
N ALA B 184 -10.55 14.80 -12.23
CA ALA B 184 -11.44 13.67 -12.52
C ALA B 184 -10.91 12.77 -13.62
N ASN B 185 -10.92 11.46 -13.38
CA ASN B 185 -10.80 10.56 -14.54
C ASN B 185 -12.22 10.24 -15.09
N MET B 186 -12.57 10.85 -16.21
CA MET B 186 -13.90 10.68 -16.79
C MET B 186 -14.07 9.23 -17.23
N PRO B 187 -15.20 8.59 -16.87
CA PRO B 187 -15.40 7.15 -17.21
C PRO B 187 -15.77 6.93 -18.72
N THR B 188 -14.81 7.26 -19.59
CA THR B 188 -14.97 7.00 -21.04
C THR B 188 -14.68 5.51 -21.28
N ILE B 189 -15.26 4.95 -22.35
CA ILE B 189 -15.10 3.56 -22.75
C ILE B 189 -14.13 3.44 -23.94
N VAL B 190 -13.14 2.55 -23.84
CA VAL B 190 -12.12 2.43 -24.90
C VAL B 190 -12.24 1.21 -25.80
N ILE B 191 -12.93 0.17 -25.34
CA ILE B 191 -13.12 -1.01 -26.17
C ILE B 191 -14.27 -0.77 -27.14
N GLU B 192 -14.14 -1.31 -28.34
CA GLU B 192 -15.21 -1.26 -29.31
C GLU B 192 -16.22 -2.38 -29.10
N LYS B 193 -15.78 -3.46 -28.42
CA LYS B 193 -16.60 -4.65 -28.22
C LYS B 193 -17.61 -4.51 -27.08
N LYS B 194 -18.55 -5.45 -27.02
CA LYS B 194 -19.49 -5.56 -25.90
C LYS B 194 -18.72 -5.94 -24.64
N PHE B 195 -19.19 -5.43 -23.49
CA PHE B 195 -18.60 -5.71 -22.19
C PHE B 195 -18.45 -7.21 -21.89
N SER B 196 -19.43 -8.00 -22.36
CA SER B 196 -19.43 -9.46 -22.12
C SER B 196 -18.37 -10.23 -22.91
N GLU B 197 -17.68 -9.56 -23.84
CA GLU B 197 -16.56 -10.19 -24.55
C GLU B 197 -15.17 -9.88 -23.96
N VAL B 198 -15.15 -9.21 -22.81
CA VAL B 198 -13.90 -8.73 -22.18
C VAL B 198 -13.53 -9.64 -21.01
N SER B 199 -13.12 -10.86 -21.36
CA SER B 199 -12.77 -11.89 -20.37
C SER B 199 -11.48 -11.59 -19.61
N SER B 200 -10.68 -10.66 -20.12
CA SER B 200 -9.51 -10.16 -19.40
C SER B 200 -9.90 -9.21 -18.26
N TYR B 201 -11.17 -8.82 -18.21
CA TYR B 201 -11.66 -7.87 -17.20
C TYR B 201 -13.16 -8.15 -16.95
N PRO B 202 -13.46 -9.31 -16.31
CA PRO B 202 -14.90 -9.68 -16.11
C PRO B 202 -15.64 -8.65 -15.28
N GLY B 203 -14.92 -7.97 -14.39
CA GLY B 203 -15.54 -6.90 -13.58
C GLY B 203 -15.87 -5.60 -14.30
N ILE B 204 -15.65 -5.51 -15.61
CA ILE B 204 -15.69 -4.19 -16.30
C ILE B 204 -17.03 -3.42 -16.09
N ALA B 205 -18.13 -4.09 -16.38
CA ALA B 205 -19.44 -3.47 -16.36
C ALA B 205 -19.86 -3.01 -14.96
N LYS B 206 -19.62 -3.87 -13.97
CA LYS B 206 -19.84 -3.57 -12.56
C LYS B 206 -18.97 -2.36 -12.15
N ASP B 207 -17.75 -2.31 -12.66
CA ASP B 207 -16.85 -1.19 -12.31
C ASP B 207 -17.37 0.16 -12.87
N TYR B 208 -17.69 0.18 -14.16
CA TYR B 208 -18.28 1.39 -14.73
C TYR B 208 -19.51 1.85 -13.94
N ALA B 209 -20.41 0.93 -13.62
CA ALA B 209 -21.68 1.26 -12.95
C ALA B 209 -21.38 1.91 -11.61
N TYR B 210 -20.52 1.27 -10.83
CA TYR B 210 -20.02 1.87 -9.61
C TYR B 210 -19.48 3.31 -9.83
N THR B 211 -18.62 3.47 -10.83
CA THR B 211 -17.96 4.75 -11.09
C THR B 211 -18.90 5.88 -11.46
N LEU B 212 -19.81 5.62 -12.41
CA LEU B 212 -20.77 6.62 -12.80
C LEU B 212 -21.62 7.13 -11.60
N GLN B 213 -22.10 6.21 -10.75
CA GLN B 213 -22.85 6.59 -9.60
C GLN B 213 -22.00 7.37 -8.59
N ALA B 214 -20.77 6.93 -8.35
CA ALA B 214 -19.93 7.55 -7.34
C ALA B 214 -19.56 8.97 -7.79
N MET B 215 -19.23 9.12 -9.06
CA MET B 215 -18.80 10.41 -9.58
C MET B 215 -19.94 11.42 -9.61
N LYS B 216 -21.14 10.95 -10.00
CA LYS B 216 -22.35 11.79 -9.96
C LYS B 216 -22.60 12.45 -8.62
N ASN B 217 -22.21 11.77 -7.55
CA ASN B 217 -22.53 12.16 -6.21
C ASN B 217 -21.47 13.01 -5.52
N LEU B 218 -20.36 13.27 -6.21
CA LEU B 218 -19.29 14.06 -5.63
C LEU B 218 -19.66 15.55 -5.60
N SER B 219 -19.00 16.27 -4.69
CA SER B 219 -19.21 17.68 -4.41
C SER B 219 -17.87 18.45 -4.42
N PHE B 220 -17.80 19.51 -5.23
CA PHE B 220 -16.59 20.26 -5.48
C PHE B 220 -16.94 21.62 -6.13
N ASP B 221 -15.97 22.53 -6.11
CA ASP B 221 -16.11 23.86 -6.69
C ASP B 221 -15.64 23.82 -8.15
N ILE B 222 -14.52 23.15 -8.37
CA ILE B 222 -13.83 23.14 -9.64
C ILE B 222 -13.57 21.69 -10.06
N TRP B 223 -13.72 21.41 -11.34
CA TRP B 223 -13.29 20.10 -11.86
C TRP B 223 -12.39 20.23 -13.04
N VAL B 224 -11.46 19.29 -13.15
CA VAL B 224 -10.57 19.18 -14.28
C VAL B 224 -10.53 17.69 -14.61
N ALA B 225 -9.91 17.33 -15.72
CA ALA B 225 -9.96 15.94 -16.18
C ALA B 225 -8.61 15.57 -16.86
N SER B 226 -8.51 14.33 -17.32
CA SER B 226 -7.26 13.78 -17.84
C SER B 226 -6.92 14.32 -19.21
N HIS B 227 -7.94 14.69 -19.99
CA HIS B 227 -7.77 15.40 -21.30
C HIS B 227 -8.40 16.74 -21.22
N ALA B 228 -7.75 17.74 -21.82
CA ALA B 228 -8.24 19.12 -21.79
C ALA B 228 -9.61 19.24 -22.43
N SER B 229 -9.81 18.54 -23.55
CA SER B 229 -11.11 18.56 -24.25
C SER B 229 -12.23 18.03 -23.37
N GLN B 230 -11.92 17.11 -22.46
CA GLN B 230 -12.99 16.52 -21.64
C GLN B 230 -13.57 17.53 -20.64
N PHE B 231 -12.84 18.57 -20.29
CA PHE B 231 -13.45 19.65 -19.50
C PHE B 231 -13.55 21.00 -20.23
N SER B 232 -13.50 20.96 -21.57
CA SER B 232 -13.61 22.19 -22.40
C SER B 232 -12.67 23.30 -21.93
N MET B 233 -11.46 22.91 -21.55
CA MET B 233 -10.46 23.82 -20.99
C MET B 233 -10.20 25.03 -21.85
N HIS B 234 -10.21 24.82 -23.18
CA HIS B 234 -9.95 25.86 -24.17
C HIS B 234 -11.10 26.80 -24.48
N SER B 235 -12.29 26.48 -23.97
CA SER B 235 -13.41 27.45 -23.93
C SER B 235 -13.32 28.25 -22.63
N LYS B 236 -12.71 27.64 -21.61
CA LYS B 236 -12.67 28.22 -20.27
C LYS B 236 -11.43 29.09 -20.00
N HIS B 237 -10.38 28.89 -20.80
CA HIS B 237 -9.13 29.62 -20.66
C HIS B 237 -8.41 29.81 -21.98
N LYS B 238 -7.89 31.02 -22.20
CA LYS B 238 -6.89 31.29 -23.26
C LYS B 238 -5.64 31.87 -22.60
N PRO B 239 -4.45 31.66 -23.20
CA PRO B 239 -3.26 32.21 -22.53
C PRO B 239 -3.31 33.73 -22.52
N GLY B 240 -2.93 34.34 -21.39
CA GLY B 240 -3.09 35.77 -21.20
C GLY B 240 -4.41 36.17 -20.57
N ASP B 241 -5.28 35.19 -20.27
CA ASP B 241 -6.57 35.49 -19.61
C ASP B 241 -6.39 35.99 -18.19
N GLY B 242 -5.30 35.59 -17.54
CA GLY B 242 -5.08 35.91 -16.15
C GLY B 242 -5.78 34.94 -15.23
N TYR B 243 -5.34 34.94 -13.99
CA TYR B 243 -5.90 34.13 -12.94
C TYR B 243 -7.41 34.29 -12.80
N ASN B 244 -8.16 33.23 -13.14
CA ASN B 244 -9.62 33.20 -13.03
C ASN B 244 -10.25 31.84 -12.70
N PRO B 245 -10.17 31.42 -11.41
CA PRO B 245 -10.61 30.10 -11.02
C PRO B 245 -12.11 29.91 -11.23
N LYS B 246 -12.87 31.00 -11.16
CA LYS B 246 -14.31 30.97 -11.44
C LYS B 246 -14.64 30.40 -12.82
N SER B 247 -13.74 30.58 -13.78
CA SER B 247 -14.04 30.08 -15.13
C SER B 247 -14.01 28.54 -15.14
N PHE B 248 -13.51 27.91 -14.09
CA PHE B 248 -13.47 26.44 -14.00
C PHE B 248 -14.53 25.79 -13.09
N MET B 249 -15.34 26.64 -12.46
CA MET B 249 -16.54 26.24 -11.77
C MET B 249 -17.58 25.96 -12.83
N ASP B 250 -18.03 24.70 -12.93
CA ASP B 250 -18.79 24.29 -14.08
C ASP B 250 -19.46 22.93 -13.80
N ARG B 251 -20.38 22.88 -12.86
CA ARG B 251 -21.13 21.67 -12.56
C ARG B 251 -21.93 21.20 -13.78
N LYS B 252 -22.60 22.13 -14.47
CA LYS B 252 -23.39 21.76 -15.66
C LYS B 252 -22.61 20.90 -16.66
N GLY B 253 -21.42 21.38 -17.03
CA GLY B 253 -20.49 20.65 -17.91
C GLY B 253 -20.13 19.26 -17.41
N TYR B 254 -19.85 19.14 -16.12
CA TYR B 254 -19.56 17.87 -15.48
C TYR B 254 -20.78 16.95 -15.61
N ASP B 255 -21.95 17.48 -15.26
CA ASP B 255 -23.20 16.69 -15.29
C ASP B 255 -23.53 16.25 -16.73
N GLU B 256 -23.34 17.13 -17.72
CA GLU B 256 -23.57 16.81 -19.12
C GLU B 256 -22.63 15.70 -19.59
N SER B 257 -21.34 15.81 -19.24
CA SER B 257 -20.41 14.81 -19.67
C SER B 257 -20.74 13.46 -19.03
N LEU B 258 -21.15 13.44 -17.76
CA LEU B 258 -21.48 12.15 -17.11
C LEU B 258 -22.75 11.51 -17.71
N ASP B 259 -23.76 12.32 -18.03
CA ASP B 259 -24.95 11.84 -18.75
C ASP B 259 -24.64 11.19 -20.10
N LYS B 260 -23.80 11.84 -20.90
CA LYS B 260 -23.26 11.31 -22.14
C LYS B 260 -22.51 9.96 -21.90
N LEU B 261 -21.62 9.93 -20.90
CA LEU B 261 -20.89 8.69 -20.55
C LEU B 261 -21.81 7.56 -20.03
N GLN B 262 -22.86 7.94 -19.35
CA GLN B 262 -23.92 7.03 -18.95
C GLN B 262 -24.62 6.38 -20.18
N LYS B 263 -25.04 7.19 -21.14
CA LYS B 263 -25.61 6.69 -22.41
C LYS B 263 -24.67 5.71 -23.12
N GLU B 264 -23.36 6.02 -23.17
CA GLU B 264 -22.39 5.15 -23.81
C GLU B 264 -22.29 3.79 -23.11
N TYR B 265 -22.16 3.84 -21.78
CA TYR B 265 -22.18 2.65 -20.95
C TYR B 265 -23.37 1.73 -21.28
N GLU B 266 -24.57 2.28 -21.28
CA GLU B 266 -25.77 1.51 -21.65
C GLU B 266 -25.69 0.81 -23.03
N LYS B 267 -25.01 1.45 -23.99
CA LYS B 267 -24.71 0.85 -25.29
C LYS B 267 -23.77 -0.34 -25.19
N HIS B 268 -22.88 -0.26 -24.18
CA HIS B 268 -21.85 -1.26 -23.81
C HIS B 268 -20.46 -1.08 -24.43
N LEU B 269 -20.22 0.00 -25.18
CA LEU B 269 -19.08 0.08 -26.13
C LEU B 269 -18.69 1.49 -26.64
N ASN B 270 -17.65 1.54 -27.49
CA ASN B 270 -17.14 2.75 -28.15
C ASN B 270 -16.69 3.88 -27.24
ZN ZN C . 1.94 -19.48 15.99
ZN ZN D . 0.30 -19.60 12.79
S SO4 E . 17.23 -9.71 32.12
O1 SO4 E . 18.03 -10.08 30.92
O2 SO4 E . 16.29 -10.81 32.47
O3 SO4 E . 16.48 -8.46 31.80
O4 SO4 E . 18.14 -9.41 33.25
S SO4 F . 22.84 1.06 26.42
O1 SO4 F . 24.16 1.41 25.85
O2 SO4 F . 21.83 1.97 25.81
O3 SO4 F . 22.88 1.21 27.90
O4 SO4 F . 22.56 -0.37 26.14
CO CO G . -3.48 -2.82 -1.05
ZN ZN H . -7.06 6.09 -21.02
ZN ZN I . -6.25 9.48 -22.12
S SO4 J . -2.52 33.14 -17.59
O1 SO4 J . -2.25 32.38 -18.85
O2 SO4 J . -3.68 32.60 -16.81
O3 SO4 J . -2.82 34.55 -18.01
O4 SO4 J . -1.33 33.13 -16.72
S SO4 K . 1.54 23.68 2.33
O1 SO4 K . 1.94 24.21 1.01
O2 SO4 K . 0.43 22.71 2.17
O3 SO4 K . 1.03 24.77 3.22
O4 SO4 K . 2.74 23.03 2.94
S SO4 L . -3.12 35.12 -4.48
O1 SO4 L . -2.72 35.36 -5.90
O2 SO4 L . -4.55 35.51 -4.32
O3 SO4 L . -2.24 35.96 -3.61
O4 SO4 L . -2.89 33.70 -4.09
#